data_4V2X
#
_entry.id   4V2X
#
_cell.length_a   74.220
_cell.length_b   141.840
_cell.length_c   50.820
_cell.angle_alpha   90.00
_cell.angle_beta   90.00
_cell.angle_gamma   90.00
#
_symmetry.space_group_name_H-M   'P 21 21 2'
#
loop_
_entity.id
_entity.type
_entity.pdbx_description
1 polymer 'ENDO-BETA-1,4-GLUCANASE (CELLULASE B)'
2 non-polymer 'CALCIUM ION'
3 non-polymer 'ACETATE ION'
4 non-polymer GLYCEROL
5 non-polymer 'CACODYLATE ION'
6 water water
#
_entity_poly.entity_id   1
_entity_poly.type   'polypeptide(L)'
_entity_poly.pdbx_seq_one_letter_code
;MGSSHHHHHHSSGLVPRGSHMASMKWMKSMAWLAVVLVVSFVAPAVSSAHEDVKTLDIQSYVRDMQPGWNLGNTFDAVGQ
DETAWGNPRVTRELIEQIADEGYKSIRIPVTWENRIGGAPDYPIDPQFLNRVDQVVQWALEEDLYVMINLHHDSWLWIYE
MEHNYNGVMVKYRSLWEQLSNHFKDYPTKLMFESVNEPKFSQNWGEIRENHHALLDDLNTVFFEIVRQSGGQNDIRPLVL
PTMETATSQPLLNNLYQTIDKLDDPNLIATVHYYGFWPFSVNIAGYTRFEENSKQEIIEAFDRVHHTFVARGIPVVLGEF
GLLGFDKHTGVIQQGEKLKFFEFLIHHLNERDITHMLWDNGQHFNRHTYEWYDQELFDMMRASWEGRSSVAESNFIYLKQ
GDRIADATVSLQLHGNELTGLRANGQRLTPGQDYELNGERLTVKAHVLSAIASSGTLGTNGMVTAEFNRGADWHFRVNTY
RTPVLQSTQGHVSNFSIPASFNGNSLATMEAVYVDGGNAGPQDWTSFKEFGYAFSPSYDANEMKLTEAFFREVRDGEVRL
TFHFWSGETVNYTIIKNGNQVTGIAAQTTNSKNKNKK
;
_entity_poly.pdbx_strand_id   A
#
# COMPACT_ATOMS: atom_id res chain seq x y z
N LYS A 54 16.85 31.02 -13.59
CA LYS A 54 17.34 31.44 -12.24
C LYS A 54 17.67 30.24 -11.37
N THR A 55 18.14 30.50 -10.15
CA THR A 55 18.47 29.43 -9.19
C THR A 55 17.19 28.71 -8.72
N LEU A 56 17.36 27.44 -8.35
CA LEU A 56 16.26 26.61 -7.86
C LEU A 56 16.66 26.09 -6.48
N ASP A 57 15.72 26.12 -5.54
CA ASP A 57 15.95 25.59 -4.18
C ASP A 57 15.33 24.20 -4.14
N ILE A 58 16.15 23.16 -4.23
CA ILE A 58 15.65 21.80 -4.42
C ILE A 58 14.86 21.30 -3.20
N GLN A 59 15.25 21.71 -2.01
CA GLN A 59 14.51 21.34 -0.79
C GLN A 59 13.09 21.92 -0.77
N SER A 60 12.97 23.21 -1.08
CA SER A 60 11.66 23.87 -1.18
C SER A 60 10.78 23.24 -2.25
N TYR A 61 11.41 22.92 -3.38
CA TYR A 61 10.73 22.27 -4.50
C TYR A 61 10.07 20.97 -4.03
N VAL A 62 10.84 20.11 -3.39
CA VAL A 62 10.32 18.83 -2.92
C VAL A 62 9.24 19.04 -1.85
N ARG A 63 9.46 19.97 -0.92
CA ARG A 63 8.43 20.29 0.10
C ARG A 63 7.12 20.71 -0.54
N ASP A 64 7.22 21.48 -1.62
CA ASP A 64 6.03 22.00 -2.30
C ASP A 64 5.25 20.92 -3.04
N MET A 65 5.88 19.76 -3.28
CA MET A 65 5.19 18.61 -3.87
C MET A 65 4.21 17.90 -2.93
N GLN A 66 4.35 18.12 -1.63
CA GLN A 66 3.59 17.35 -0.62
C GLN A 66 2.11 17.74 -0.61
N PRO A 67 1.15 16.81 -0.70
CA PRO A 67 1.34 15.38 -0.87
C PRO A 67 1.16 14.96 -2.32
N GLY A 68 1.63 13.77 -2.66
CA GLY A 68 1.59 13.28 -4.03
C GLY A 68 0.71 12.06 -4.25
N TRP A 69 0.42 11.79 -5.52
CA TRP A 69 -0.45 10.70 -5.92
C TRP A 69 0.08 10.09 -7.22
N ASN A 70 0.06 8.76 -7.30
CA ASN A 70 0.45 8.04 -8.52
C ASN A 70 -0.75 7.72 -9.39
N LEU A 71 -0.63 8.03 -10.67
CA LEU A 71 -1.55 7.56 -11.69
C LEU A 71 -1.14 6.14 -12.07
N GLY A 72 -1.45 5.19 -11.18
CA GLY A 72 -0.95 3.84 -11.32
C GLY A 72 -1.72 2.95 -12.28
N ASN A 73 -1.05 1.90 -12.74
CA ASN A 73 -1.62 0.92 -13.67
C ASN A 73 -2.31 1.60 -14.85
N THR A 74 -1.66 2.64 -15.37
CA THR A 74 -2.21 3.44 -16.45
C THR A 74 -1.17 3.43 -17.59
N PHE A 75 -0.39 4.49 -17.76
CA PHE A 75 0.65 4.48 -18.81
C PHE A 75 1.73 3.44 -18.54
N ASP A 76 1.83 3.02 -17.27
CA ASP A 76 2.73 1.95 -16.87
C ASP A 76 2.22 0.55 -17.24
N ALA A 77 0.94 0.42 -17.59
CA ALA A 77 0.38 -0.89 -17.92
C ALA A 77 1.12 -1.53 -19.10
N VAL A 78 1.38 -2.83 -18.98
CA VAL A 78 2.06 -3.58 -20.01
C VAL A 78 1.00 -4.08 -20.99
N GLY A 79 0.98 -3.48 -22.16
CA GLY A 79 -0.08 -3.73 -23.14
C GLY A 79 0.04 -2.75 -24.28
N GLN A 80 -0.92 -2.80 -25.20
CA GLN A 80 -0.95 -1.88 -26.33
C GLN A 80 -1.11 -0.45 -25.82
N ASP A 81 -2.04 -0.26 -24.87
CA ASP A 81 -2.28 1.05 -24.32
C ASP A 81 -2.58 1.07 -22.81
N GLU A 82 -2.83 2.27 -22.31
CA GLU A 82 -2.96 2.52 -20.87
C GLU A 82 -4.25 1.96 -20.24
N THR A 83 -5.13 1.37 -21.03
CA THR A 83 -6.32 0.71 -20.52
C THR A 83 -6.13 -0.79 -20.34
N ALA A 84 -4.93 -1.29 -20.62
CA ALA A 84 -4.63 -2.73 -20.63
C ALA A 84 -4.90 -3.40 -19.27
N TRP A 85 -4.76 -2.65 -18.18
CA TRP A 85 -4.97 -3.20 -16.85
C TRP A 85 -6.28 -2.74 -16.20
N GLY A 86 -7.24 -2.31 -17.02
CA GLY A 86 -8.60 -2.08 -16.56
C GLY A 86 -8.95 -0.66 -16.18
N ASN A 87 -7.98 0.25 -16.19
CA ASN A 87 -8.30 1.65 -15.99
C ASN A 87 -8.74 2.33 -17.28
N PRO A 88 -9.60 3.34 -17.17
CA PRO A 88 -10.06 4.01 -18.38
C PRO A 88 -9.00 4.97 -18.90
N ARG A 89 -9.15 5.42 -20.16
CA ARG A 89 -8.34 6.50 -20.66
C ARG A 89 -8.43 7.67 -19.66
N VAL A 90 -7.33 8.39 -19.50
CA VAL A 90 -7.24 9.49 -18.56
C VAL A 90 -8.11 10.66 -19.03
N THR A 91 -8.97 11.15 -18.15
CA THR A 91 -9.75 12.36 -18.44
C THR A 91 -9.13 13.56 -17.76
N ARG A 92 -9.39 14.76 -18.28
CA ARG A 92 -8.97 15.97 -17.61
C ARG A 92 -9.60 16.05 -16.22
N GLU A 93 -10.84 15.56 -16.12
CA GLU A 93 -11.57 15.62 -14.86
C GLU A 93 -10.87 14.85 -13.75
N LEU A 94 -10.28 13.70 -14.09
CA LEU A 94 -9.53 12.92 -13.07
C LEU A 94 -8.43 13.75 -12.42
N ILE A 95 -7.66 14.42 -13.27
CA ILE A 95 -6.56 15.26 -12.81
C ILE A 95 -7.08 16.45 -11.98
N GLU A 96 -8.14 17.09 -12.46
CA GLU A 96 -8.81 18.16 -11.71
C GLU A 96 -9.23 17.68 -10.33
N GLN A 97 -9.85 16.51 -10.30
CA GLN A 97 -10.42 15.97 -9.06
C GLN A 97 -9.33 15.62 -8.05
N ILE A 98 -8.25 15.03 -8.53
CA ILE A 98 -7.11 14.70 -7.66
C ILE A 98 -6.50 15.98 -7.09
N ALA A 99 -6.39 17.01 -7.91
CA ALA A 99 -5.87 18.29 -7.44
C ALA A 99 -6.80 18.88 -6.38
N ASP A 100 -8.11 18.77 -6.61
CA ASP A 100 -9.10 19.32 -5.69
C ASP A 100 -9.13 18.61 -4.35
N GLU A 101 -8.74 17.33 -4.32
CA GLU A 101 -8.61 16.59 -3.07
C GLU A 101 -7.41 17.05 -2.23
N GLY A 102 -6.50 17.83 -2.82
CA GLY A 102 -5.41 18.45 -2.09
C GLY A 102 -4.01 17.96 -2.45
N TYR A 103 -3.93 17.07 -3.44
CA TYR A 103 -2.64 16.62 -3.95
C TYR A 103 -1.94 17.74 -4.70
N LYS A 104 -0.64 17.88 -4.45
CA LYS A 104 0.18 18.94 -5.03
C LYS A 104 1.16 18.40 -6.08
N SER A 105 1.26 17.08 -6.17
CA SER A 105 2.13 16.45 -7.16
C SER A 105 1.51 15.15 -7.64
N ILE A 106 1.84 14.80 -8.88
CA ILE A 106 1.37 13.56 -9.49
C ILE A 106 2.54 12.87 -10.15
N ARG A 107 2.69 11.58 -9.87
CA ARG A 107 3.65 10.74 -10.56
C ARG A 107 2.90 10.01 -11.68
N ILE A 108 3.43 10.14 -12.89
CA ILE A 108 2.88 9.50 -14.08
C ILE A 108 3.88 8.44 -14.54
N PRO A 109 3.80 7.23 -13.96
CA PRO A 109 4.72 6.19 -14.40
C PRO A 109 4.39 5.78 -15.84
N VAL A 110 5.42 5.54 -16.65
CA VAL A 110 5.20 5.16 -18.05
C VAL A 110 6.08 3.98 -18.40
N THR A 111 5.46 2.95 -18.96
CA THR A 111 6.20 1.84 -19.53
C THR A 111 6.28 2.10 -21.03
N TRP A 112 7.49 2.19 -21.56
CA TRP A 112 7.70 2.54 -22.96
C TRP A 112 7.78 1.33 -23.86
N GLU A 113 8.30 0.21 -23.35
CA GLU A 113 8.23 -1.07 -24.06
C GLU A 113 6.80 -1.29 -24.56
N ASN A 114 6.67 -1.77 -25.80
CA ASN A 114 5.38 -1.97 -26.51
C ASN A 114 4.84 -0.71 -27.19
N ARG A 115 5.46 0.44 -26.94
CA ARG A 115 5.08 1.69 -27.60
C ARG A 115 6.31 2.35 -28.24
N ILE A 116 7.30 1.53 -28.62
CA ILE A 116 8.54 2.02 -29.22
C ILE A 116 8.92 1.14 -30.43
N GLY A 117 9.68 1.70 -31.36
CA GLY A 117 10.22 0.93 -32.47
C GLY A 117 11.42 0.09 -32.05
N GLY A 118 12.09 -0.50 -33.04
CA GLY A 118 13.23 -1.37 -32.78
C GLY A 118 14.56 -0.63 -32.84
N ALA A 119 15.64 -1.41 -32.69
CA ALA A 119 16.99 -0.87 -32.72
C ALA A 119 17.29 -0.31 -34.13
N PRO A 120 18.20 0.66 -34.23
CA PRO A 120 18.96 1.22 -33.12
C PRO A 120 18.34 2.46 -32.47
N ASP A 121 17.36 3.09 -33.13
CA ASP A 121 16.84 4.38 -32.69
C ASP A 121 15.70 4.27 -31.67
N TYR A 122 15.02 3.13 -31.64
CA TYR A 122 13.91 2.90 -30.71
C TYR A 122 12.91 4.07 -30.66
N PRO A 123 12.36 4.46 -31.83
CA PRO A 123 11.51 5.65 -31.85
C PRO A 123 10.23 5.45 -31.03
N ILE A 124 9.94 6.41 -30.17
CA ILE A 124 8.74 6.34 -29.35
C ILE A 124 7.54 6.62 -30.24
N ASP A 125 6.51 5.78 -30.14
CA ASP A 125 5.25 6.01 -30.84
C ASP A 125 4.77 7.42 -30.53
N PRO A 126 4.67 8.29 -31.55
CA PRO A 126 4.27 9.68 -31.28
C PRO A 126 2.85 9.84 -30.72
N GLN A 127 1.97 8.90 -31.06
CA GLN A 127 0.59 8.95 -30.61
C GLN A 127 0.52 8.67 -29.12
N PHE A 128 1.24 7.64 -28.70
CA PHE A 128 1.36 7.32 -27.29
C PHE A 128 1.99 8.48 -26.52
N LEU A 129 3.12 8.97 -27.03
CA LEU A 129 3.77 10.13 -26.40
C LEU A 129 2.86 11.34 -26.29
N ASN A 130 2.07 11.63 -27.32
CA ASN A 130 1.14 12.76 -27.23
C ASN A 130 0.06 12.56 -26.15
N ARG A 131 -0.38 11.32 -25.95
CA ARG A 131 -1.35 11.05 -24.89
C ARG A 131 -0.73 11.25 -23.50
N VAL A 132 0.50 10.77 -23.32
CA VAL A 132 1.24 11.02 -22.07
C VAL A 132 1.41 12.53 -21.88
N ASP A 133 1.85 13.18 -22.94
CA ASP A 133 2.04 14.62 -22.95
C ASP A 133 0.78 15.40 -22.52
N GLN A 134 -0.37 15.01 -23.07
CA GLN A 134 -1.62 15.67 -22.73
C GLN A 134 -1.90 15.61 -21.23
N VAL A 135 -1.63 14.47 -20.63
CA VAL A 135 -1.85 14.30 -19.20
C VAL A 135 -0.84 15.14 -18.39
N VAL A 136 0.41 15.17 -18.82
CA VAL A 136 1.42 16.02 -18.20
C VAL A 136 0.94 17.48 -18.22
N GLN A 137 0.47 17.93 -19.38
CA GLN A 137 -0.02 19.32 -19.53
C GLN A 137 -1.20 19.62 -18.61
N TRP A 138 -2.17 18.69 -18.55
CA TRP A 138 -3.32 18.88 -17.66
C TRP A 138 -2.90 19.04 -16.22
N ALA A 139 -1.98 18.19 -15.77
CA ALA A 139 -1.45 18.26 -14.42
C ALA A 139 -0.75 19.60 -14.17
N LEU A 140 0.08 20.03 -15.11
CA LEU A 140 0.78 21.30 -14.97
C LEU A 140 -0.22 22.46 -14.96
N GLU A 141 -1.27 22.36 -15.78
CA GLU A 141 -2.33 23.38 -15.81
C GLU A 141 -3.06 23.48 -14.47
N GLU A 142 -3.17 22.34 -13.78
CA GLU A 142 -3.76 22.29 -12.45
C GLU A 142 -2.74 22.64 -11.36
N ASP A 143 -1.59 23.18 -11.76
CA ASP A 143 -0.58 23.65 -10.82
C ASP A 143 0.14 22.54 -10.07
N LEU A 144 0.10 21.32 -10.59
CA LEU A 144 0.76 20.20 -9.97
C LEU A 144 2.20 20.08 -10.45
N TYR A 145 3.05 19.56 -9.57
CA TYR A 145 4.36 19.03 -9.98
C TYR A 145 4.07 17.69 -10.64
N VAL A 146 4.93 17.29 -11.56
CA VAL A 146 4.76 16.06 -12.33
C VAL A 146 6.07 15.29 -12.40
N MET A 147 6.01 13.98 -12.16
CA MET A 147 7.17 13.11 -12.33
C MET A 147 6.85 12.07 -13.38
N ILE A 148 7.70 11.96 -14.39
CA ILE A 148 7.60 10.87 -15.36
C ILE A 148 8.88 10.04 -15.28
N ASN A 149 8.79 8.82 -15.78
CA ASN A 149 9.92 7.89 -15.68
C ASN A 149 9.96 6.86 -16.81
N LEU A 150 10.87 5.90 -16.71
CA LEU A 150 10.72 4.62 -17.39
C LEU A 150 10.30 3.68 -16.29
N HIS A 151 9.20 2.95 -16.49
CA HIS A 151 8.62 2.19 -15.38
C HIS A 151 8.90 0.69 -15.48
N HIS A 152 7.99 -0.10 -16.02
CA HIS A 152 8.18 -1.55 -16.08
C HIS A 152 9.20 -1.99 -17.11
N ASP A 153 9.69 -1.04 -17.91
CA ASP A 153 10.95 -1.23 -18.65
C ASP A 153 12.03 -1.80 -17.73
N SER A 154 11.98 -1.47 -16.44
CA SER A 154 12.96 -2.01 -15.48
C SER A 154 13.13 -3.53 -15.58
N TRP A 155 12.00 -4.27 -15.55
CA TRP A 155 12.05 -5.74 -15.58
C TRP A 155 11.69 -6.34 -16.93
N LEU A 156 11.20 -5.52 -17.85
CA LEU A 156 10.98 -5.98 -19.22
C LEU A 156 12.30 -6.10 -19.99
N TRP A 157 13.26 -5.21 -19.75
CA TRP A 157 14.53 -5.26 -20.47
C TRP A 157 15.75 -4.63 -19.78
N ILE A 158 15.57 -3.60 -18.94
CA ILE A 158 16.73 -2.90 -18.38
C ILE A 158 17.59 -3.86 -17.54
N TYR A 159 16.92 -4.76 -16.83
CA TYR A 159 17.58 -5.76 -15.97
C TYR A 159 18.60 -6.64 -16.71
N GLU A 160 18.50 -6.71 -18.05
CA GLU A 160 19.40 -7.49 -18.89
C GLU A 160 20.81 -6.94 -18.91
N MET A 161 20.99 -5.71 -18.41
CA MET A 161 22.24 -4.97 -18.57
C MET A 161 23.48 -5.74 -18.13
N GLU A 162 23.35 -6.59 -17.12
CA GLU A 162 24.51 -7.32 -16.60
C GLU A 162 25.19 -8.18 -17.66
N HIS A 163 24.41 -8.80 -18.54
CA HIS A 163 24.98 -9.62 -19.62
C HIS A 163 24.75 -9.03 -21.02
N ASN A 164 24.33 -7.77 -21.05
CA ASN A 164 24.09 -7.06 -22.29
C ASN A 164 24.27 -5.56 -22.05
N TYR A 165 25.49 -5.18 -21.73
CA TYR A 165 25.80 -3.82 -21.27
C TYR A 165 25.46 -2.79 -22.34
N ASN A 166 26.08 -2.91 -23.50
CA ASN A 166 25.89 -1.91 -24.56
C ASN A 166 24.49 -1.97 -25.18
N GLY A 167 23.91 -3.16 -25.27
CA GLY A 167 22.55 -3.29 -25.81
C GLY A 167 21.52 -2.54 -24.97
N VAL A 168 21.57 -2.72 -23.66
CA VAL A 168 20.68 -1.99 -22.77
C VAL A 168 20.99 -0.51 -22.80
N MET A 169 22.28 -0.17 -22.75
CA MET A 169 22.68 1.24 -22.72
C MET A 169 22.23 2.00 -23.96
N VAL A 170 22.36 1.38 -25.13
CA VAL A 170 21.89 2.00 -26.39
C VAL A 170 20.39 2.33 -26.34
N LYS A 171 19.60 1.37 -25.91
CA LYS A 171 18.15 1.54 -25.82
C LYS A 171 17.74 2.59 -24.77
N TYR A 172 18.35 2.49 -23.59
CA TYR A 172 18.12 3.43 -22.49
C TYR A 172 18.50 4.85 -22.89
N ARG A 173 19.69 5.00 -23.46
CA ARG A 173 20.15 6.30 -23.95
CA ARG A 173 20.15 6.30 -23.96
C ARG A 173 19.15 6.88 -24.96
N SER A 174 18.73 6.05 -25.91
CA SER A 174 17.80 6.53 -26.93
C SER A 174 16.50 7.07 -26.33
N LEU A 175 15.94 6.34 -25.36
CA LEU A 175 14.68 6.74 -24.77
C LEU A 175 14.83 8.06 -24.03
N TRP A 176 15.90 8.20 -23.24
CA TRP A 176 16.09 9.42 -22.47
C TRP A 176 16.52 10.60 -23.32
N GLU A 177 17.24 10.33 -24.41
CA GLU A 177 17.51 11.38 -25.40
C GLU A 177 16.19 11.92 -25.99
N GLN A 178 15.30 11.02 -26.37
CA GLN A 178 14.00 11.42 -26.94
C GLN A 178 13.11 12.16 -25.96
N LEU A 179 12.98 11.63 -24.75
CA LEU A 179 12.14 12.27 -23.75
C LEU A 179 12.70 13.63 -23.32
N SER A 180 14.01 13.68 -23.07
CA SER A 180 14.64 14.92 -22.65
C SER A 180 14.46 15.99 -23.72
N ASN A 181 14.61 15.61 -24.98
CA ASN A 181 14.40 16.55 -26.09
C ASN A 181 12.95 17.00 -26.19
N HIS A 182 12.02 16.04 -26.17
CA HIS A 182 10.58 16.34 -26.24
C HIS A 182 10.13 17.31 -25.17
N PHE A 183 10.58 17.10 -23.93
CA PHE A 183 10.10 17.88 -22.79
C PHE A 183 11.02 19.04 -22.38
N LYS A 184 12.07 19.32 -23.16
CA LYS A 184 13.11 20.24 -22.71
C LYS A 184 12.62 21.64 -22.33
N ASP A 185 11.59 22.13 -23.02
CA ASP A 185 11.08 23.49 -22.75
C ASP A 185 9.90 23.53 -21.77
N TYR A 186 9.54 22.38 -21.20
CA TYR A 186 8.46 22.32 -20.21
C TYR A 186 8.89 22.95 -18.90
N PRO A 187 7.93 23.50 -18.13
CA PRO A 187 8.25 24.07 -16.82
C PRO A 187 9.02 23.10 -15.94
N THR A 188 9.88 23.61 -15.06
CA THR A 188 10.70 22.75 -14.21
C THR A 188 9.89 22.03 -13.13
N LYS A 189 8.60 22.33 -13.02
CA LYS A 189 7.69 21.55 -12.17
C LYS A 189 7.50 20.12 -12.72
N LEU A 190 7.86 19.92 -14.00
CA LEU A 190 8.02 18.57 -14.55
C LEU A 190 9.43 18.07 -14.24
N MET A 191 9.51 16.95 -13.53
CA MET A 191 10.79 16.33 -13.18
C MET A 191 10.89 14.94 -13.80
N PHE A 192 12.12 14.48 -14.02
CA PHE A 192 12.39 13.17 -14.61
C PHE A 192 12.97 12.21 -13.58
N GLU A 193 12.48 10.97 -13.60
CA GLU A 193 12.98 9.87 -12.75
C GLU A 193 13.58 8.79 -13.66
N SER A 194 14.83 8.43 -13.39
CA SER A 194 15.63 7.62 -14.33
C SER A 194 15.02 6.26 -14.68
N VAL A 195 14.61 5.51 -13.66
CA VAL A 195 14.07 4.16 -13.85
C VAL A 195 13.36 3.72 -12.58
N ASN A 196 12.21 3.07 -12.74
CA ASN A 196 11.48 2.55 -11.58
C ASN A 196 12.09 1.26 -11.01
N GLU A 197 12.28 1.23 -9.68
CA GLU A 197 12.63 -0.01 -8.97
C GLU A 197 13.69 -0.85 -9.70
N PRO A 198 14.86 -0.25 -9.97
CA PRO A 198 15.87 -0.95 -10.75
C PRO A 198 16.42 -2.20 -10.06
N LYS A 199 16.64 -3.25 -10.85
CA LYS A 199 17.34 -4.44 -10.38
C LYS A 199 17.86 -5.19 -11.59
N PHE A 200 18.74 -6.17 -11.35
CA PHE A 200 19.44 -6.83 -12.46
C PHE A 200 19.39 -8.34 -12.36
N SER A 201 18.31 -8.80 -11.74
CA SER A 201 17.91 -10.18 -11.79
C SER A 201 16.44 -10.16 -12.14
N GLN A 202 15.92 -11.26 -12.68
CA GLN A 202 14.49 -11.36 -12.89
C GLN A 202 13.76 -11.43 -11.53
N ASN A 203 14.48 -11.78 -10.47
CA ASN A 203 13.90 -11.90 -9.13
C ASN A 203 14.26 -10.74 -8.21
N TRP A 204 13.39 -10.48 -7.24
CA TRP A 204 13.67 -9.55 -6.14
C TRP A 204 14.60 -10.19 -5.11
N GLY A 205 15.38 -9.37 -4.42
CA GLY A 205 16.25 -9.84 -3.34
C GLY A 205 17.45 -10.64 -3.80
N GLU A 206 17.90 -10.39 -5.03
CA GLU A 206 19.09 -11.03 -5.58
C GLU A 206 20.05 -9.97 -6.08
N ILE A 207 20.33 -8.99 -5.22
CA ILE A 207 21.24 -7.89 -5.55
C ILE A 207 22.67 -8.33 -5.31
N ARG A 208 23.46 -8.38 -6.37
CA ARG A 208 24.85 -8.82 -6.30
C ARG A 208 25.77 -7.60 -6.39
N GLU A 209 27.05 -7.79 -6.07
CA GLU A 209 27.97 -6.66 -5.99
C GLU A 209 28.06 -5.88 -7.30
N ASN A 210 28.09 -6.59 -8.41
CA ASN A 210 28.20 -5.95 -9.73
C ASN A 210 26.99 -5.11 -10.10
N HIS A 211 25.84 -5.43 -9.51
CA HIS A 211 24.62 -4.70 -9.84
C HIS A 211 24.67 -3.24 -9.46
N HIS A 212 25.33 -2.92 -8.35
CA HIS A 212 25.42 -1.53 -7.89
C HIS A 212 26.09 -0.66 -8.94
N ALA A 213 27.15 -1.20 -9.55
CA ALA A 213 27.89 -0.47 -10.58
C ALA A 213 27.02 -0.18 -11.80
N LEU A 214 26.18 -1.15 -12.16
CA LEU A 214 25.27 -0.97 -13.29
C LEU A 214 24.27 0.15 -13.03
N LEU A 215 23.69 0.17 -11.83
CA LEU A 215 22.71 1.21 -11.49
C LEU A 215 23.38 2.60 -11.46
N ASP A 216 24.58 2.68 -10.93
CA ASP A 216 25.31 3.95 -10.98
C ASP A 216 25.44 4.44 -12.42
N ASP A 217 25.80 3.53 -13.33
CA ASP A 217 25.94 3.89 -14.75
C ASP A 217 24.62 4.38 -15.37
N LEU A 218 23.51 3.71 -15.07
CA LEU A 218 22.22 4.13 -15.60
C LEU A 218 21.82 5.51 -15.09
N ASN A 219 22.01 5.72 -13.79
CA ASN A 219 21.71 7.02 -13.20
C ASN A 219 22.59 8.11 -13.78
N THR A 220 23.84 7.77 -14.06
CA THR A 220 24.84 8.74 -14.51
C THR A 220 24.64 9.13 -15.96
N VAL A 221 24.39 8.15 -16.82
CA VAL A 221 24.14 8.45 -18.23
C VAL A 221 22.84 9.24 -18.40
N PHE A 222 21.84 8.94 -17.58
CA PHE A 222 20.58 9.69 -17.56
C PHE A 222 20.87 11.15 -17.23
N PHE A 223 21.65 11.37 -16.17
CA PHE A 223 22.05 12.72 -15.77
C PHE A 223 22.74 13.45 -16.93
N GLU A 224 23.75 12.80 -17.51
CA GLU A 224 24.54 13.39 -18.61
C GLU A 224 23.66 13.79 -19.79
N ILE A 225 22.79 12.88 -20.21
CA ILE A 225 21.88 13.12 -21.32
C ILE A 225 20.96 14.30 -21.03
N VAL A 226 20.25 14.25 -19.92
CA VAL A 226 19.29 15.31 -19.62
C VAL A 226 20.01 16.65 -19.51
N ARG A 227 21.09 16.71 -18.74
CA ARG A 227 21.72 17.97 -18.40
C ARG A 227 22.27 18.72 -19.62
N GLN A 228 22.56 18.00 -20.69
CA GLN A 228 23.15 18.60 -21.89
C GLN A 228 22.19 18.65 -23.08
N SER A 229 20.89 18.46 -22.83
CA SER A 229 19.90 18.36 -23.91
C SER A 229 19.18 19.68 -24.23
N GLY A 230 19.50 20.75 -23.51
CA GLY A 230 18.96 22.08 -23.83
C GLY A 230 17.70 22.44 -23.07
N GLY A 231 17.06 23.54 -23.50
CA GLY A 231 15.90 24.08 -22.80
C GLY A 231 16.16 24.28 -21.32
N GLN A 232 15.22 23.84 -20.49
CA GLN A 232 15.32 23.94 -19.03
C GLN A 232 16.00 22.73 -18.37
N ASN A 233 16.55 21.82 -19.19
CA ASN A 233 17.07 20.55 -18.67
C ASN A 233 18.43 20.67 -17.99
N ASP A 234 19.05 21.83 -18.08
CA ASP A 234 20.27 22.11 -17.32
C ASP A 234 20.00 22.24 -15.82
N ILE A 235 18.77 22.63 -15.46
CA ILE A 235 18.38 22.78 -14.06
C ILE A 235 17.18 21.91 -13.61
N ARG A 236 16.53 21.23 -14.55
CA ARG A 236 15.33 20.43 -14.22
C ARG A 236 15.68 19.43 -13.13
N PRO A 237 14.87 19.36 -12.07
CA PRO A 237 15.14 18.35 -11.06
C PRO A 237 15.09 16.92 -11.60
N LEU A 238 16.01 16.10 -11.13
CA LEU A 238 16.13 14.71 -11.54
C LEU A 238 16.03 13.82 -10.33
N VAL A 239 15.27 12.74 -10.49
CA VAL A 239 14.97 11.83 -9.40
C VAL A 239 15.72 10.52 -9.62
N LEU A 240 16.53 10.13 -8.65
CA LEU A 240 17.38 8.94 -8.77
C LEU A 240 17.06 7.94 -7.66
N PRO A 241 16.84 6.67 -8.04
CA PRO A 241 16.45 5.65 -7.08
C PRO A 241 17.61 4.87 -6.48
N THR A 242 17.37 4.30 -5.31
CA THR A 242 18.17 3.19 -4.82
C THR A 242 17.80 1.91 -5.58
N MET A 243 18.66 0.91 -5.49
CA MET A 243 18.36 -0.42 -6.03
C MET A 243 17.06 -0.93 -5.40
N GLU A 244 16.16 -1.42 -6.26
CA GLU A 244 14.82 -1.91 -5.85
C GLU A 244 13.98 -0.86 -5.13
N THR A 245 14.39 0.41 -5.24
CA THR A 245 13.88 1.50 -4.40
C THR A 245 13.79 1.11 -2.92
N ALA A 246 14.75 0.29 -2.49
CA ALA A 246 14.80 -0.21 -1.12
C ALA A 246 15.60 0.74 -0.21
N THR A 247 15.56 0.49 1.10
CA THR A 247 16.08 1.44 2.08
C THR A 247 17.22 0.92 2.96
N SER A 248 17.76 -0.25 2.68
CA SER A 248 18.88 -0.76 3.47
C SER A 248 20.08 0.19 3.37
N GLN A 249 20.90 0.23 4.41
CA GLN A 249 22.00 1.21 4.44
C GLN A 249 22.95 1.12 3.24
N PRO A 250 23.37 -0.11 2.84
CA PRO A 250 24.29 -0.16 1.71
C PRO A 250 23.71 0.43 0.43
N LEU A 251 22.41 0.22 0.20
CA LEU A 251 21.76 0.77 -0.98
C LEU A 251 21.61 2.29 -0.90
N LEU A 252 21.32 2.81 0.29
CA LEU A 252 21.26 4.25 0.48
C LEU A 252 22.65 4.86 0.24
N ASN A 253 23.67 4.21 0.79
CA ASN A 253 25.04 4.66 0.61
C ASN A 253 25.43 4.73 -0.86
N ASN A 254 25.08 3.69 -1.61
CA ASN A 254 25.42 3.67 -3.03
C ASN A 254 24.74 4.79 -3.81
N LEU A 255 23.49 5.10 -3.50
CA LEU A 255 22.80 6.20 -4.16
C LEU A 255 23.44 7.54 -3.75
N TYR A 256 23.80 7.67 -2.48
CA TYR A 256 24.48 8.86 -2.02
C TYR A 256 25.78 9.09 -2.80
N GLN A 257 26.56 8.01 -2.93
CA GLN A 257 27.81 8.07 -3.70
C GLN A 257 27.57 8.61 -5.11
N THR A 258 26.52 8.11 -5.76
CA THR A 258 26.22 8.55 -7.13
C THR A 258 25.79 10.01 -7.16
N ILE A 259 24.93 10.41 -6.25
CA ILE A 259 24.46 11.80 -6.18
C ILE A 259 25.62 12.74 -5.87
N ASP A 260 26.48 12.34 -4.92
CA ASP A 260 27.64 13.15 -4.52
C ASP A 260 28.57 13.39 -5.72
N LYS A 261 28.83 12.31 -6.46
CA LYS A 261 29.68 12.33 -7.65
C LYS A 261 29.21 13.33 -8.71
N LEU A 262 27.91 13.38 -8.92
CA LEU A 262 27.36 14.16 -10.03
C LEU A 262 27.45 15.66 -9.80
N ASP A 263 27.66 16.07 -8.54
CA ASP A 263 28.04 17.45 -8.22
C ASP A 263 27.04 18.44 -8.80
N ASP A 264 25.77 18.20 -8.51
CA ASP A 264 24.65 18.95 -9.07
C ASP A 264 23.69 19.29 -7.94
N PRO A 265 23.16 20.52 -7.93
CA PRO A 265 22.31 20.96 -6.81
C PRO A 265 20.83 20.56 -6.90
N ASN A 266 20.41 19.96 -8.01
CA ASN A 266 19.00 19.71 -8.26
C ASN A 266 18.70 18.22 -8.43
N LEU A 267 19.20 17.44 -7.49
CA LEU A 267 18.98 15.99 -7.50
C LEU A 267 18.11 15.57 -6.30
N ILE A 268 17.22 14.63 -6.55
CA ILE A 268 16.27 14.14 -5.57
C ILE A 268 16.48 12.64 -5.44
N ALA A 269 16.59 12.15 -4.21
CA ALA A 269 16.67 10.70 -3.97
C ALA A 269 15.25 10.12 -3.86
N THR A 270 15.05 8.92 -4.38
CA THR A 270 13.75 8.26 -4.22
C THR A 270 13.87 6.82 -3.74
N VAL A 271 12.93 6.47 -2.86
CA VAL A 271 12.73 5.12 -2.37
C VAL A 271 11.23 4.85 -2.38
N HIS A 272 10.85 3.59 -2.26
CA HIS A 272 9.44 3.19 -2.15
C HIS A 272 9.26 2.43 -0.85
N TYR A 273 8.00 2.30 -0.39
CA TYR A 273 7.76 1.61 0.87
C TYR A 273 6.35 1.04 0.93
N TYR A 274 6.27 -0.26 1.20
CA TYR A 274 5.00 -0.98 1.21
C TYR A 274 4.71 -1.73 2.52
N GLY A 275 5.44 -1.38 3.57
CA GLY A 275 5.19 -1.89 4.91
C GLY A 275 6.01 -3.11 5.26
N PHE A 276 6.17 -3.35 6.55
CA PHE A 276 6.79 -4.58 7.06
C PHE A 276 6.10 -5.76 6.39
N TRP A 277 6.89 -6.60 5.73
CA TRP A 277 6.32 -7.53 4.76
C TRP A 277 5.18 -8.40 5.30
N PRO A 278 5.39 -9.08 6.44
CA PRO A 278 4.32 -9.97 6.91
C PRO A 278 3.00 -9.26 7.22
N PHE A 279 3.09 -8.07 7.81
CA PHE A 279 1.89 -7.28 8.06
C PHE A 279 1.27 -6.84 6.74
N SER A 280 2.11 -6.43 5.81
CA SER A 280 1.66 -5.83 4.55
C SER A 280 0.86 -6.81 3.68
N VAL A 281 1.15 -8.10 3.78
CA VAL A 281 0.42 -9.12 3.03
C VAL A 281 -0.52 -9.98 3.89
N ASN A 282 -0.45 -9.82 5.20
CA ASN A 282 -1.21 -10.62 6.17
C ASN A 282 -0.83 -12.09 6.14
N ILE A 283 0.33 -12.37 6.72
CA ILE A 283 0.87 -13.72 6.82
C ILE A 283 1.60 -13.79 8.17
N ALA A 284 1.87 -15.00 8.64
CA ALA A 284 2.69 -15.23 9.82
C ALA A 284 2.09 -14.68 11.13
N GLY A 285 0.80 -14.38 11.12
CA GLY A 285 0.10 -13.93 12.31
C GLY A 285 0.08 -12.42 12.51
N TYR A 286 0.62 -11.68 11.55
CA TYR A 286 0.74 -10.22 11.66
C TYR A 286 -0.52 -9.54 11.15
N THR A 287 -1.59 -9.73 11.90
CA THR A 287 -2.89 -9.16 11.60
C THR A 287 -3.04 -7.77 12.19
N ARG A 288 -2.23 -7.45 13.19
CA ARG A 288 -2.22 -6.12 13.82
C ARG A 288 -1.02 -5.32 13.36
N PHE A 289 -1.20 -4.01 13.33
CA PHE A 289 -0.12 -3.05 13.16
C PHE A 289 0.59 -2.93 14.51
N GLU A 290 1.76 -3.57 14.62
CA GLU A 290 2.41 -3.74 15.92
C GLU A 290 3.88 -3.29 15.88
N GLU A 291 4.66 -3.67 16.88
CA GLU A 291 6.01 -3.16 17.07
C GLU A 291 6.96 -3.41 15.89
N ASN A 292 6.84 -4.56 15.24
CA ASN A 292 7.68 -4.83 14.08
C ASN A 292 7.41 -3.86 12.92
N SER A 293 6.14 -3.59 12.64
CA SER A 293 5.79 -2.66 11.56
C SER A 293 6.18 -1.22 11.95
N LYS A 294 6.00 -0.87 13.22
CA LYS A 294 6.33 0.47 13.69
C LYS A 294 7.84 0.68 13.64
N GLN A 295 8.60 -0.29 14.14
CA GLN A 295 10.05 -0.17 14.19
C GLN A 295 10.68 -0.17 12.80
N GLU A 296 10.11 -0.92 11.86
CA GLU A 296 10.66 -0.90 10.51
C GLU A 296 10.57 0.51 9.92
N ILE A 297 9.43 1.17 10.10
CA ILE A 297 9.23 2.52 9.62
C ILE A 297 10.22 3.50 10.25
N ILE A 298 10.35 3.44 11.57
CA ILE A 298 11.28 4.33 12.25
C ILE A 298 12.71 4.10 11.78
N GLU A 299 13.13 2.84 11.74
CA GLU A 299 14.52 2.52 11.39
C GLU A 299 14.81 2.89 9.95
N ALA A 300 13.92 2.50 9.05
CA ALA A 300 14.11 2.76 7.63
C ALA A 300 14.18 4.25 7.34
N PHE A 301 13.23 5.01 7.86
CA PHE A 301 13.20 6.41 7.53
C PHE A 301 14.20 7.23 8.35
N ASP A 302 14.65 6.70 9.49
CA ASP A 302 15.81 7.30 10.14
C ASP A 302 17.03 7.17 9.23
N ARG A 303 17.23 6.00 8.62
CA ARG A 303 18.35 5.81 7.69
C ARG A 303 18.24 6.80 6.52
N VAL A 304 17.05 6.90 5.97
CA VAL A 304 16.81 7.79 4.85
C VAL A 304 17.08 9.25 5.23
N HIS A 305 16.60 9.64 6.40
CA HIS A 305 16.79 11.01 6.84
C HIS A 305 18.28 11.31 7.10
N HIS A 306 18.94 10.41 7.82
CA HIS A 306 20.34 10.59 8.16
C HIS A 306 21.23 10.64 6.93
N THR A 307 20.95 9.76 5.97
CA THR A 307 21.81 9.64 4.81
C THR A 307 21.57 10.72 3.76
N PHE A 308 20.31 11.16 3.61
CA PHE A 308 19.96 12.11 2.56
C PHE A 308 19.46 13.44 3.10
N VAL A 309 18.30 13.43 3.74
CA VAL A 309 17.60 14.68 4.10
C VAL A 309 18.46 15.60 4.96
N ALA A 310 19.08 15.03 6.01
CA ALA A 310 19.90 15.82 6.93
C ALA A 310 21.15 16.39 6.25
N ARG A 311 21.56 15.80 5.12
CA ARG A 311 22.72 16.29 4.37
C ARG A 311 22.32 17.19 3.20
N GLY A 312 21.05 17.57 3.13
CA GLY A 312 20.57 18.51 2.12
C GLY A 312 20.09 17.89 0.83
N ILE A 313 20.01 16.56 0.77
CA ILE A 313 19.46 15.90 -0.41
C ILE A 313 18.01 15.52 -0.09
N PRO A 314 17.03 16.16 -0.76
CA PRO A 314 15.63 15.84 -0.46
C PRO A 314 15.25 14.45 -0.95
N VAL A 315 14.21 13.90 -0.34
CA VAL A 315 13.73 12.55 -0.63
C VAL A 315 12.26 12.58 -0.99
N VAL A 316 11.92 11.93 -2.10
CA VAL A 316 10.54 11.64 -2.44
C VAL A 316 10.32 10.15 -2.27
N LEU A 317 9.36 9.81 -1.42
CA LEU A 317 8.87 8.45 -1.31
C LEU A 317 7.91 8.29 -2.48
N GLY A 318 8.43 7.78 -3.60
CA GLY A 318 7.73 7.83 -4.89
C GLY A 318 6.49 6.96 -4.99
N GLU A 319 6.46 5.92 -4.14
CA GLU A 319 5.30 5.06 -3.98
C GLU A 319 5.21 4.61 -2.54
N PHE A 320 4.01 4.62 -1.98
CA PHE A 320 3.78 3.92 -0.73
C PHE A 320 2.37 3.35 -0.69
N GLY A 321 2.21 2.37 0.19
CA GLY A 321 0.94 1.70 0.40
C GLY A 321 1.21 0.46 1.23
N LEU A 322 0.34 -0.53 1.12
CA LEU A 322 0.59 -1.84 1.69
C LEU A 322 0.64 -2.84 0.55
N LEU A 323 1.67 -3.68 0.55
CA LEU A 323 1.90 -4.62 -0.55
C LEU A 323 0.71 -5.51 -0.84
N GLY A 324 0.04 -5.95 0.22
CA GLY A 324 -1.13 -6.81 0.09
C GLY A 324 -2.31 -6.23 -0.68
N PHE A 325 -2.35 -4.91 -0.82
CA PHE A 325 -3.35 -4.24 -1.65
C PHE A 325 -3.30 -4.72 -3.10
N ASP A 326 -2.17 -5.27 -3.53
CA ASP A 326 -2.07 -5.90 -4.86
C ASP A 326 -3.05 -7.05 -5.01
N LYS A 327 -3.46 -7.64 -3.89
CA LYS A 327 -4.60 -8.55 -3.87
C LYS A 327 -5.88 -7.69 -3.84
N HIS A 328 -6.19 -7.10 -2.70
CA HIS A 328 -7.24 -6.07 -2.59
C HIS A 328 -7.10 -5.40 -1.23
N THR A 329 -7.77 -4.26 -1.03
CA THR A 329 -7.60 -3.48 0.20
C THR A 329 -8.18 -4.15 1.45
N GLY A 330 -9.08 -5.10 1.24
CA GLY A 330 -9.68 -5.85 2.32
C GLY A 330 -8.83 -6.90 3.01
N VAL A 331 -7.61 -7.15 2.53
CA VAL A 331 -6.74 -8.16 3.19
C VAL A 331 -6.10 -7.67 4.49
N ILE A 332 -6.17 -6.36 4.75
CA ILE A 332 -5.65 -5.74 5.97
C ILE A 332 -6.86 -5.26 6.79
N GLN A 333 -6.90 -5.62 8.06
CA GLN A 333 -8.02 -5.23 8.92
C GLN A 333 -8.11 -3.70 8.92
N GLN A 334 -9.32 -3.18 8.81
CA GLN A 334 -9.51 -1.76 8.55
C GLN A 334 -8.88 -0.81 9.58
N GLY A 335 -9.09 -1.08 10.86
CA GLY A 335 -8.50 -0.26 11.91
C GLY A 335 -6.98 -0.29 11.88
N GLU A 336 -6.44 -1.47 11.64
CA GLU A 336 -4.99 -1.64 11.60
C GLU A 336 -4.40 -0.95 10.36
N LYS A 337 -5.14 -1.00 9.27
CA LYS A 337 -4.78 -0.29 8.05
C LYS A 337 -4.69 1.20 8.31
N LEU A 338 -5.70 1.74 8.99
CA LEU A 338 -5.74 3.17 9.29
C LEU A 338 -4.57 3.57 10.17
N LYS A 339 -4.26 2.75 11.16
CA LYS A 339 -3.14 3.08 12.07
C LYS A 339 -1.80 3.03 11.35
N PHE A 340 -1.64 2.10 10.41
CA PHE A 340 -0.43 2.06 9.58
C PHE A 340 -0.24 3.39 8.83
N PHE A 341 -1.27 3.86 8.15
CA PHE A 341 -1.16 5.10 7.39
C PHE A 341 -0.93 6.31 8.29
N GLU A 342 -1.64 6.38 9.40
CA GLU A 342 -1.46 7.48 10.36
C GLU A 342 0.00 7.54 10.84
N PHE A 343 0.53 6.39 11.23
CA PHE A 343 1.86 6.30 11.81
C PHE A 343 2.93 6.59 10.75
N LEU A 344 2.78 5.97 9.58
CA LEU A 344 3.73 6.19 8.50
C LEU A 344 3.81 7.66 8.14
N ILE A 345 2.65 8.28 7.88
CA ILE A 345 2.65 9.66 7.39
C ILE A 345 3.17 10.61 8.46
N HIS A 346 2.88 10.35 9.72
CA HIS A 346 3.45 11.15 10.79
C HIS A 346 4.97 11.11 10.72
N HIS A 347 5.53 9.90 10.58
CA HIS A 347 6.98 9.77 10.63
C HIS A 347 7.67 10.30 9.37
N LEU A 348 6.96 10.29 8.25
CA LEU A 348 7.45 10.97 7.05
C LEU A 348 7.46 12.48 7.24
N ASN A 349 6.41 13.00 7.86
CA ASN A 349 6.33 14.44 8.15
C ASN A 349 7.47 14.90 9.04
N GLU A 350 7.73 14.12 10.09
CA GLU A 350 8.82 14.40 11.02
C GLU A 350 10.15 14.50 10.30
N ARG A 351 10.31 13.72 9.24
CA ARG A 351 11.58 13.64 8.51
C ARG A 351 11.56 14.39 7.17
N ASP A 352 10.55 15.22 6.94
CA ASP A 352 10.51 16.10 5.76
C ASP A 352 10.50 15.32 4.45
N ILE A 353 9.91 14.12 4.47
CA ILE A 353 9.89 13.27 3.28
C ILE A 353 8.57 13.47 2.54
N THR A 354 8.66 13.87 1.28
CA THR A 354 7.47 13.98 0.44
C THR A 354 7.03 12.58 0.00
N HIS A 355 5.73 12.31 0.07
CA HIS A 355 5.20 10.97 -0.21
C HIS A 355 4.19 11.00 -1.35
N MET A 356 4.17 9.93 -2.13
CA MET A 356 3.24 9.81 -3.24
C MET A 356 2.53 8.46 -3.17
N LEU A 357 1.21 8.51 -2.96
CA LEU A 357 0.41 7.31 -2.77
C LEU A 357 0.39 6.48 -4.03
N TRP A 358 0.61 5.18 -3.90
CA TRP A 358 0.42 4.27 -5.02
C TRP A 358 -1.07 3.99 -5.17
N ASP A 359 -1.65 4.47 -6.26
CA ASP A 359 -3.06 4.26 -6.53
C ASP A 359 -3.20 3.63 -7.90
N ASN A 360 -3.34 2.31 -7.93
CA ASN A 360 -3.49 1.59 -9.20
C ASN A 360 -4.91 1.62 -9.79
N GLY A 361 -5.79 2.44 -9.21
CA GLY A 361 -7.21 2.44 -9.55
C GLY A 361 -8.09 2.00 -8.39
N GLN A 362 -7.48 1.41 -7.35
CA GLN A 362 -8.24 0.86 -6.23
C GLN A 362 -8.56 1.84 -5.10
N HIS A 363 -7.97 3.03 -5.10
CA HIS A 363 -8.27 3.99 -4.04
C HIS A 363 -9.26 5.06 -4.51
N PHE A 364 -8.85 5.85 -5.49
CA PHE A 364 -9.74 6.85 -6.08
C PHE A 364 -10.51 6.20 -7.24
N ASN A 365 -11.83 6.18 -7.12
CA ASN A 365 -12.68 5.62 -8.15
C ASN A 365 -12.61 6.52 -9.38
N ARG A 366 -12.04 6.00 -10.44
CA ARG A 366 -11.79 6.78 -11.64
C ARG A 366 -13.00 6.95 -12.54
N HIS A 367 -14.07 6.27 -12.22
CA HIS A 367 -15.31 6.40 -12.98
C HIS A 367 -16.23 7.44 -12.36
N THR A 368 -16.27 7.48 -11.03
CA THR A 368 -17.16 8.40 -10.32
C THR A 368 -16.43 9.53 -9.58
N TYR A 369 -15.09 9.47 -9.55
CA TYR A 369 -14.25 10.48 -8.92
C TYR A 369 -14.57 10.67 -7.43
N GLU A 370 -14.53 9.56 -6.70
CA GLU A 370 -14.65 9.59 -5.27
C GLU A 370 -13.81 8.47 -4.70
N TRP A 371 -13.52 8.52 -3.40
CA TRP A 371 -12.73 7.47 -2.75
C TRP A 371 -13.58 6.24 -2.48
N TYR A 372 -13.06 5.07 -2.85
CA TYR A 372 -13.74 3.82 -2.51
C TYR A 372 -13.84 3.69 -1.00
N ASP A 373 -12.78 4.12 -0.30
CA ASP A 373 -12.71 4.04 1.15
C ASP A 373 -12.49 5.45 1.71
N GLN A 374 -13.59 6.11 2.04
CA GLN A 374 -13.54 7.48 2.53
C GLN A 374 -12.81 7.55 3.87
N GLU A 375 -12.94 6.50 4.68
CA GLU A 375 -12.27 6.45 5.98
C GLU A 375 -10.75 6.49 5.80
N LEU A 376 -10.25 5.74 4.83
CA LEU A 376 -8.82 5.75 4.56
C LEU A 376 -8.38 7.11 4.07
N PHE A 377 -9.12 7.70 3.13
CA PHE A 377 -8.74 9.01 2.64
C PHE A 377 -8.77 10.05 3.76
N ASP A 378 -9.83 10.04 4.58
CA ASP A 378 -9.95 10.99 5.68
C ASP A 378 -8.75 10.89 6.62
N MET A 379 -8.26 9.67 6.84
CA MET A 379 -7.10 9.47 7.70
C MET A 379 -5.86 10.03 7.04
N MET A 380 -5.69 9.77 5.75
CA MET A 380 -4.53 10.30 5.04
C MET A 380 -4.55 11.83 5.03
N ARG A 381 -5.71 12.41 4.69
CA ARG A 381 -5.86 13.86 4.64
C ARG A 381 -5.59 14.51 6.00
N ALA A 382 -6.08 13.90 7.08
CA ALA A 382 -5.79 14.39 8.43
C ALA A 382 -4.30 14.33 8.70
N SER A 383 -3.68 13.23 8.27
CA SER A 383 -2.27 12.99 8.53
C SER A 383 -1.36 14.00 7.81
N TRP A 384 -1.83 14.57 6.70
CA TRP A 384 -1.06 15.63 6.04
C TRP A 384 -0.84 16.82 6.96
N GLU A 385 -1.77 17.03 7.88
CA GLU A 385 -1.72 18.17 8.81
C GLU A 385 -1.20 17.81 10.20
N GLY A 386 -1.43 16.59 10.66
CA GLY A 386 -1.04 16.24 12.02
C GLY A 386 -1.60 14.91 12.43
N ARG A 387 -1.34 14.52 13.68
CA ARG A 387 -1.68 13.19 14.12
C ARG A 387 -3.15 13.04 14.47
N SER A 388 -3.67 11.84 14.24
CA SER A 388 -5.01 11.48 14.65
C SER A 388 -4.95 10.48 15.79
N SER A 389 -5.93 10.56 16.68
CA SER A 389 -6.06 9.62 17.76
C SER A 389 -6.64 8.34 17.20
N VAL A 390 -6.14 7.22 17.70
CA VAL A 390 -6.58 5.91 17.24
C VAL A 390 -6.89 5.04 18.46
N ALA A 391 -7.25 3.79 18.22
CA ALA A 391 -7.61 2.90 19.33
C ALA A 391 -7.14 1.49 19.05
N GLU A 392 -7.19 0.65 20.10
CA GLU A 392 -6.78 -0.74 19.99
C GLU A 392 -7.46 -1.47 18.82
N SER A 393 -8.71 -1.12 18.57
CA SER A 393 -9.47 -1.68 17.46
CA SER A 393 -9.46 -1.66 17.44
C SER A 393 -10.49 -0.66 16.95
N ASN A 394 -11.02 -0.91 15.76
CA ASN A 394 -12.15 -0.14 15.23
C ASN A 394 -13.47 -0.92 15.37
N PHE A 395 -13.58 -1.70 16.45
CA PHE A 395 -14.80 -2.49 16.64
C PHE A 395 -15.03 -2.76 18.11
N ILE A 396 -16.29 -3.03 18.42
CA ILE A 396 -16.70 -3.52 19.74
C ILE A 396 -17.63 -4.70 19.49
N TYR A 397 -17.22 -5.89 19.94
CA TYR A 397 -18.00 -7.10 19.71
C TYR A 397 -18.90 -7.41 20.90
N LEU A 398 -20.13 -7.81 20.60
CA LEU A 398 -21.10 -8.22 21.61
C LEU A 398 -21.57 -9.64 21.29
N LYS A 399 -21.42 -10.56 22.25
CA LYS A 399 -21.84 -11.95 22.06
C LYS A 399 -23.37 -12.02 22.14
N GLN A 400 -24.01 -12.47 21.07
CA GLN A 400 -25.46 -12.58 21.03
C GLN A 400 -25.91 -13.52 22.14
N GLY A 401 -26.92 -13.12 22.89
CA GLY A 401 -27.42 -13.91 24.00
C GLY A 401 -26.85 -13.53 25.37
N ASP A 402 -25.70 -12.88 25.40
CA ASP A 402 -25.09 -12.44 26.66
C ASP A 402 -25.60 -11.08 27.08
N ARG A 403 -25.60 -10.84 28.38
CA ARG A 403 -25.91 -9.52 28.89
C ARG A 403 -24.88 -8.53 28.36
N ILE A 404 -25.36 -7.40 27.85
CA ILE A 404 -24.46 -6.38 27.32
C ILE A 404 -23.83 -5.61 28.47
N ALA A 405 -22.50 -5.55 28.51
CA ALA A 405 -21.78 -4.84 29.55
C ALA A 405 -21.11 -3.58 29.00
N ASP A 406 -20.50 -2.81 29.89
CA ASP A 406 -19.69 -1.67 29.47
C ASP A 406 -18.50 -2.19 28.66
N ALA A 407 -18.19 -1.49 27.57
CA ALA A 407 -17.02 -1.80 26.76
C ALA A 407 -15.95 -0.77 27.06
N THR A 408 -14.78 -1.25 27.45
CA THR A 408 -13.64 -0.37 27.69
C THR A 408 -12.57 -0.66 26.65
N VAL A 409 -12.13 0.39 25.96
CA VAL A 409 -11.11 0.28 24.92
C VAL A 409 -9.99 1.28 25.18
N SER A 410 -8.78 0.90 24.80
CA SER A 410 -7.62 1.77 24.92
C SER A 410 -7.49 2.64 23.68
N LEU A 411 -7.37 3.95 23.92
CA LEU A 411 -7.10 4.91 22.89
C LEU A 411 -5.62 5.24 22.89
N GLN A 412 -5.11 5.62 21.72
CA GLN A 412 -3.80 6.23 21.61
CA GLN A 412 -3.80 6.25 21.62
C GLN A 412 -4.05 7.66 21.16
N LEU A 413 -4.02 8.59 22.11
CA LEU A 413 -4.46 9.96 21.85
C LEU A 413 -3.54 10.74 20.92
N HIS A 414 -2.25 10.40 20.91
CA HIS A 414 -1.29 11.04 20.00
C HIS A 414 -1.30 12.56 20.16
N GLY A 415 -1.47 13.02 21.40
CA GLY A 415 -1.43 14.46 21.70
C GLY A 415 -2.75 15.21 21.57
N ASN A 416 -3.82 14.50 21.22
CA ASN A 416 -5.14 15.12 21.10
C ASN A 416 -5.98 14.89 22.33
N GLU A 417 -7.13 15.56 22.37
CA GLU A 417 -8.10 15.38 23.44
C GLU A 417 -9.41 14.88 22.85
N LEU A 418 -10.08 13.99 23.58
CA LEU A 418 -11.41 13.53 23.21
C LEU A 418 -12.40 14.68 23.46
N THR A 419 -13.15 15.07 22.44
CA THR A 419 -14.12 16.16 22.58
C THR A 419 -15.55 15.67 22.69
N GLY A 420 -15.80 14.44 22.24
CA GLY A 420 -17.15 13.90 22.30
C GLY A 420 -17.25 12.50 21.73
N LEU A 421 -18.41 11.91 21.91
CA LEU A 421 -18.70 10.57 21.44
C LEU A 421 -20.11 10.60 20.85
N ARG A 422 -20.29 9.92 19.72
CA ARG A 422 -21.61 9.78 19.12
C ARG A 422 -21.95 8.31 18.96
N ALA A 423 -23.22 7.99 19.11
CA ALA A 423 -23.73 6.65 18.87
C ALA A 423 -24.71 6.77 17.72
N ASN A 424 -24.38 6.19 16.58
CA ASN A 424 -25.17 6.38 15.37
C ASN A 424 -25.46 7.87 15.13
N GLY A 425 -24.44 8.70 15.25
CA GLY A 425 -24.57 10.14 15.02
C GLY A 425 -25.13 10.96 16.17
N GLN A 426 -25.76 10.31 17.15
CA GLN A 426 -26.35 11.02 18.30
C GLN A 426 -25.29 11.34 19.35
N ARG A 427 -25.22 12.62 19.72
CA ARG A 427 -24.27 13.07 20.72
C ARG A 427 -24.57 12.40 22.06
N LEU A 428 -23.53 11.80 22.65
CA LEU A 428 -23.64 11.17 23.96
C LEU A 428 -23.24 12.14 25.08
N THR A 429 -23.77 11.88 26.27
CA THR A 429 -23.50 12.73 27.42
C THR A 429 -22.31 12.20 28.20
N PRO A 430 -21.27 13.04 28.38
CA PRO A 430 -20.11 12.64 29.18
C PRO A 430 -20.54 12.20 30.57
N GLY A 431 -19.88 11.17 31.11
CA GLY A 431 -20.20 10.63 32.43
C GLY A 431 -21.36 9.67 32.37
N GLN A 432 -22.52 10.16 31.97
CA GLN A 432 -23.73 9.34 31.87
C GLN A 432 -23.56 8.19 30.88
N ASP A 433 -23.11 8.51 29.67
CA ASP A 433 -23.06 7.55 28.57
C ASP A 433 -21.67 6.97 28.29
N TYR A 434 -20.63 7.67 28.74
CA TYR A 434 -19.26 7.20 28.57
C TYR A 434 -18.30 7.89 29.54
N GLU A 435 -17.13 7.29 29.71
CA GLU A 435 -16.07 7.89 30.50
C GLU A 435 -14.75 7.74 29.81
N LEU A 436 -13.90 8.76 29.97
CA LEU A 436 -12.50 8.65 29.58
C LEU A 436 -11.66 8.77 30.84
N ASN A 437 -10.94 7.71 31.16
CA ASN A 437 -10.01 7.72 32.27
C ASN A 437 -8.61 7.48 31.73
N GLY A 438 -7.83 8.55 31.66
CA GLY A 438 -6.56 8.53 30.96
C GLY A 438 -6.81 8.28 29.48
N GLU A 439 -6.30 7.18 28.97
CA GLU A 439 -6.56 6.76 27.59
C GLU A 439 -7.53 5.59 27.52
N ARG A 440 -8.13 5.21 28.64
CA ARG A 440 -9.14 4.15 28.68
C ARG A 440 -10.54 4.74 28.49
N LEU A 441 -11.13 4.47 27.32
CA LEU A 441 -12.49 4.90 27.01
C LEU A 441 -13.49 3.81 27.35
N THR A 442 -14.46 4.13 28.21
CA THR A 442 -15.55 3.23 28.51
C THR A 442 -16.83 3.71 27.85
N VAL A 443 -17.43 2.85 27.03
CA VAL A 443 -18.76 3.09 26.49
C VAL A 443 -19.75 2.29 27.34
N LYS A 444 -20.72 2.99 27.93
CA LYS A 444 -21.64 2.36 28.88
C LYS A 444 -22.61 1.38 28.19
N ALA A 445 -22.93 0.31 28.90
CA ALA A 445 -23.81 -0.76 28.43
C ALA A 445 -25.10 -0.27 27.75
N HIS A 446 -25.77 0.71 28.34
CA HIS A 446 -27.06 1.16 27.81
C HIS A 446 -26.92 1.77 26.42
N VAL A 447 -25.76 2.34 26.12
CA VAL A 447 -25.48 2.87 24.79
C VAL A 447 -25.35 1.73 23.78
N LEU A 448 -24.60 0.69 24.17
CA LEU A 448 -24.40 -0.46 23.31
C LEU A 448 -25.70 -1.24 23.13
N SER A 449 -26.47 -1.36 24.20
CA SER A 449 -27.78 -1.99 24.14
C SER A 449 -28.73 -1.23 23.20
N ALA A 450 -28.72 0.09 23.24
CA ALA A 450 -29.53 0.89 22.32
C ALA A 450 -29.15 0.64 20.86
N ILE A 451 -27.85 0.49 20.59
CA ILE A 451 -27.38 0.22 19.24
C ILE A 451 -27.68 -1.21 18.82
N ALA A 452 -27.50 -2.15 19.74
CA ALA A 452 -27.45 -3.58 19.39
C ALA A 452 -28.35 -4.51 20.23
N SER A 453 -29.43 -4.00 20.85
CA SER A 453 -30.31 -4.88 21.64
C SER A 453 -31.07 -5.89 20.76
N SER A 454 -31.27 -5.54 19.49
CA SER A 454 -31.93 -6.44 18.53
C SER A 454 -31.22 -7.79 18.37
N GLY A 455 -29.91 -7.80 18.58
CA GLY A 455 -29.12 -9.02 18.46
C GLY A 455 -28.99 -9.55 17.04
N THR A 456 -29.31 -8.72 16.05
CA THR A 456 -29.08 -9.05 14.65
C THR A 456 -27.58 -9.23 14.48
N LEU A 457 -27.16 -10.27 13.77
CA LEU A 457 -25.72 -10.57 13.67
C LEU A 457 -25.05 -9.63 12.67
N GLY A 458 -23.80 -9.28 12.96
CA GLY A 458 -23.02 -8.37 12.13
C GLY A 458 -23.04 -6.97 12.72
N THR A 459 -22.75 -5.99 11.90
CA THR A 459 -22.61 -4.61 12.38
C THR A 459 -23.96 -3.97 12.62
N ASN A 460 -24.21 -3.61 13.88
CA ASN A 460 -25.49 -3.02 14.30
C ASN A 460 -25.49 -1.51 14.18
N GLY A 461 -24.33 -0.90 14.37
CA GLY A 461 -24.22 0.54 14.39
C GLY A 461 -22.80 0.95 14.69
N MET A 462 -22.62 2.21 15.09
CA MET A 462 -21.29 2.78 15.27
CA MET A 462 -21.29 2.73 15.31
C MET A 462 -21.23 3.70 16.48
N VAL A 463 -20.10 3.65 17.19
CA VAL A 463 -19.78 4.63 18.20
C VAL A 463 -18.59 5.41 17.63
N THR A 464 -18.76 6.72 17.48
CA THR A 464 -17.73 7.55 16.87
C THR A 464 -17.08 8.43 17.94
N ALA A 465 -15.76 8.30 18.04
CA ALA A 465 -14.97 9.16 18.93
C ALA A 465 -14.49 10.37 18.17
N GLU A 466 -14.77 11.55 18.74
CA GLU A 466 -14.42 12.84 18.16
C GLU A 466 -13.30 13.45 18.97
N PHE A 467 -12.32 14.05 18.28
CA PHE A 467 -11.15 14.64 18.92
C PHE A 467 -10.98 16.09 18.48
N ASN A 468 -10.23 16.85 19.27
CA ASN A 468 -10.03 18.28 18.99
C ASN A 468 -9.22 18.50 17.70
N ARG A 469 -8.36 17.54 17.37
CA ARG A 469 -7.62 17.55 16.12
C ARG A 469 -7.69 16.16 15.48
N GLY A 470 -7.53 16.13 14.16
CA GLY A 470 -7.41 14.87 13.45
C GLY A 470 -8.74 14.18 13.18
N ALA A 471 -8.65 13.02 12.55
CA ALA A 471 -9.82 12.28 12.11
C ALA A 471 -10.61 11.68 13.28
N ASP A 472 -11.93 11.57 13.11
CA ASP A 472 -12.75 10.80 14.03
C ASP A 472 -12.33 9.34 13.96
N TRP A 473 -12.44 8.61 15.07
CA TRP A 473 -12.24 7.17 15.08
C TRP A 473 -13.59 6.47 15.22
N HIS A 474 -13.82 5.46 14.38
CA HIS A 474 -15.12 4.82 14.30
C HIS A 474 -15.08 3.39 14.84
N PHE A 475 -15.84 3.12 15.88
CA PHE A 475 -15.99 1.77 16.41
C PHE A 475 -17.25 1.12 15.85
N ARG A 476 -17.06 0.06 15.06
CA ARG A 476 -18.19 -0.69 14.53
CA ARG A 476 -18.18 -0.71 14.52
C ARG A 476 -18.69 -1.60 15.65
N VAL A 477 -19.98 -1.49 15.97
CA VAL A 477 -20.57 -2.29 17.04
C VAL A 477 -21.20 -3.53 16.40
N ASN A 478 -20.63 -4.70 16.71
CA ASN A 478 -20.94 -5.95 16.04
C ASN A 478 -21.49 -6.99 16.99
N THR A 479 -22.61 -7.59 16.62
CA THR A 479 -23.12 -8.73 17.38
C THR A 479 -22.68 -10.01 16.68
N TYR A 480 -22.20 -10.97 17.46
CA TYR A 480 -21.71 -12.23 16.92
C TYR A 480 -22.16 -13.43 17.74
N ARG A 481 -22.14 -14.60 17.08
CA ARG A 481 -22.21 -15.90 17.76
C ARG A 481 -21.01 -16.71 17.29
N THR A 482 -20.76 -17.83 17.94
CA THR A 482 -19.68 -18.71 17.52
C THR A 482 -19.89 -19.05 16.04
N PRO A 483 -18.86 -18.84 15.21
CA PRO A 483 -18.97 -19.23 13.81
C PRO A 483 -18.92 -20.74 13.68
N VAL A 484 -19.57 -21.25 12.65
CA VAL A 484 -19.71 -22.69 12.47
C VAL A 484 -19.25 -23.03 11.06
N LEU A 485 -18.34 -23.99 10.97
CA LEU A 485 -17.91 -24.55 9.70
C LEU A 485 -18.51 -25.94 9.56
N GLN A 486 -18.73 -26.37 8.33
CA GLN A 486 -19.36 -27.66 8.09
C GLN A 486 -18.45 -28.62 7.34
N SER A 487 -18.60 -29.89 7.67
CA SER A 487 -17.92 -30.97 6.96
C SER A 487 -18.32 -30.94 5.49
N THR A 488 -17.42 -31.39 4.63
CA THR A 488 -17.67 -31.34 3.20
C THR A 488 -16.66 -32.20 2.47
N GLN A 489 -16.84 -32.32 1.15
CA GLN A 489 -15.89 -33.03 0.31
C GLN A 489 -15.81 -32.27 -1.01
N GLY A 490 -14.59 -32.12 -1.54
CA GLY A 490 -14.39 -31.34 -2.74
C GLY A 490 -13.06 -31.58 -3.44
N HIS A 491 -12.77 -30.71 -4.40
CA HIS A 491 -11.59 -30.82 -5.27
C HIS A 491 -10.66 -29.64 -4.99
N VAL A 492 -9.36 -29.83 -5.15
CA VAL A 492 -8.38 -28.78 -4.83
C VAL A 492 -8.53 -27.49 -5.64
N SER A 493 -9.12 -27.58 -6.83
CA SER A 493 -9.29 -26.42 -7.69
C SER A 493 -10.43 -25.50 -7.27
N ASN A 494 -11.34 -25.99 -6.44
CA ASN A 494 -12.54 -25.25 -6.08
C ASN A 494 -13.10 -25.70 -4.74
N PHE A 495 -12.25 -25.67 -3.71
CA PHE A 495 -12.64 -26.17 -2.40
C PHE A 495 -13.19 -25.07 -1.51
N SER A 496 -14.45 -25.22 -1.11
CA SER A 496 -15.13 -24.26 -0.23
C SER A 496 -15.70 -25.00 0.97
N ILE A 497 -15.38 -24.50 2.17
CA ILE A 497 -15.99 -24.99 3.40
C ILE A 497 -17.29 -24.20 3.64
N PRO A 498 -18.44 -24.89 3.72
CA PRO A 498 -19.64 -24.14 4.08
C PRO A 498 -19.45 -23.52 5.46
N ALA A 499 -19.71 -22.21 5.57
CA ALA A 499 -19.36 -21.46 6.76
C ALA A 499 -20.45 -20.47 7.16
N SER A 500 -20.89 -20.58 8.40
CA SER A 500 -21.76 -19.58 9.00
C SER A 500 -20.89 -18.63 9.79
N PHE A 501 -20.59 -17.47 9.20
CA PHE A 501 -19.70 -16.51 9.85
C PHE A 501 -20.34 -15.91 11.09
N ASN A 502 -21.67 -15.87 11.11
CA ASN A 502 -22.44 -15.49 12.31
C ASN A 502 -21.96 -14.17 12.93
N GLY A 503 -21.80 -13.14 12.08
CA GLY A 503 -21.40 -11.81 12.53
C GLY A 503 -19.92 -11.60 12.75
N ASN A 504 -19.11 -12.63 12.45
CA ASN A 504 -17.66 -12.57 12.66
C ASN A 504 -16.89 -12.18 11.41
N SER A 505 -15.73 -11.57 11.62
CA SER A 505 -14.79 -11.25 10.57
CA SER A 505 -14.79 -11.28 10.55
C SER A 505 -13.55 -12.11 10.76
N LEU A 506 -13.09 -12.76 9.69
CA LEU A 506 -11.93 -13.63 9.79
C LEU A 506 -10.64 -12.82 9.80
N ALA A 507 -9.74 -13.12 10.73
CA ALA A 507 -8.45 -12.44 10.81
C ALA A 507 -7.35 -13.21 10.07
N THR A 508 -7.22 -14.50 10.37
CA THR A 508 -6.20 -15.33 9.72
C THR A 508 -6.49 -16.81 9.94
N MET A 509 -5.70 -17.66 9.30
CA MET A 509 -5.90 -19.10 9.33
C MET A 509 -4.54 -19.77 9.45
N GLU A 510 -4.42 -20.68 10.40
CA GLU A 510 -3.26 -21.54 10.52
C GLU A 510 -3.50 -22.88 9.84
N ALA A 511 -2.44 -23.48 9.34
CA ALA A 511 -2.49 -24.83 8.77
C ALA A 511 -1.24 -25.59 9.20
N VAL A 512 -1.45 -26.70 9.91
CA VAL A 512 -0.36 -27.56 10.35
C VAL A 512 -0.71 -29.01 10.05
N TYR A 513 0.29 -29.84 9.77
CA TYR A 513 0.07 -31.26 9.63
C TYR A 513 -0.17 -31.80 11.03
N VAL A 514 -1.16 -32.69 11.19
CA VAL A 514 -1.46 -33.23 12.51
C VAL A 514 -0.25 -33.99 13.09
N ASP A 515 0.56 -34.58 12.19
CA ASP A 515 1.80 -35.29 12.56
C ASP A 515 2.98 -34.39 12.90
N GLY A 516 2.86 -33.10 12.62
CA GLY A 516 3.94 -32.15 12.91
C GLY A 516 4.38 -31.36 11.68
N GLY A 517 4.74 -30.10 11.90
CA GLY A 517 5.19 -29.25 10.82
C GLY A 517 4.08 -28.38 10.26
N ASN A 518 4.45 -27.21 9.78
CA ASN A 518 3.49 -26.33 9.14
C ASN A 518 3.15 -26.80 7.73
N ALA A 519 1.92 -26.56 7.31
CA ALA A 519 1.43 -27.00 6.02
C ALA A 519 1.19 -25.82 5.09
N GLY A 520 1.27 -26.07 3.79
CA GLY A 520 0.92 -25.05 2.81
C GLY A 520 2.07 -24.13 2.46
N PRO A 521 1.79 -23.08 1.68
CA PRO A 521 2.81 -22.13 1.26
C PRO A 521 3.48 -21.43 2.44
N GLN A 522 4.74 -21.04 2.25
CA GLN A 522 5.50 -20.31 3.27
C GLN A 522 5.44 -21.04 4.60
N ASP A 523 5.98 -22.26 4.60
CA ASP A 523 5.81 -23.18 5.73
C ASP A 523 6.76 -22.95 6.89
N TRP A 524 7.49 -21.84 6.85
CA TRP A 524 8.23 -21.33 8.01
C TRP A 524 7.26 -20.78 9.10
N THR A 525 5.99 -20.61 8.73
CA THR A 525 4.97 -20.20 9.70
C THR A 525 3.71 -21.04 9.52
N SER A 526 2.98 -21.25 10.61
CA SER A 526 1.67 -21.88 10.56
C SER A 526 0.59 -20.97 10.02
N PHE A 527 0.79 -19.65 10.09
CA PHE A 527 -0.25 -18.69 9.67
C PHE A 527 -0.14 -18.44 8.18
N LYS A 528 -1.15 -18.87 7.44
CA LYS A 528 -1.15 -18.74 5.99
C LYS A 528 -1.50 -17.33 5.54
N GLU A 529 -1.23 -17.04 4.27
CA GLU A 529 -1.38 -15.71 3.71
C GLU A 529 -2.84 -15.44 3.29
N PHE A 530 -3.42 -14.37 3.84
CA PHE A 530 -4.81 -14.01 3.57
C PHE A 530 -4.97 -13.70 2.08
N GLY A 531 -5.99 -14.29 1.45
CA GLY A 531 -6.26 -14.08 0.03
C GLY A 531 -5.54 -15.11 -0.82
N TYR A 532 -4.22 -15.22 -0.64
CA TYR A 532 -3.42 -16.11 -1.44
C TYR A 532 -3.74 -17.58 -1.15
N ALA A 533 -3.77 -17.94 0.14
CA ALA A 533 -3.99 -19.33 0.57
C ALA A 533 -5.45 -19.64 0.92
N PHE A 534 -6.19 -18.62 1.34
CA PHE A 534 -7.58 -18.81 1.76
C PHE A 534 -8.30 -17.48 1.68
N SER A 535 -9.62 -17.52 1.69
CA SER A 535 -10.43 -16.30 1.66
CA SER A 535 -10.41 -16.30 1.70
C SER A 535 -11.82 -16.53 2.24
N PRO A 536 -12.30 -15.62 3.08
CA PRO A 536 -13.69 -15.74 3.52
C PRO A 536 -14.61 -15.15 2.46
N SER A 537 -15.65 -15.89 2.09
CA SER A 537 -16.69 -15.38 1.20
C SER A 537 -17.93 -15.15 2.04
N TYR A 538 -18.06 -13.92 2.55
CA TYR A 538 -19.10 -13.60 3.52
C TYR A 538 -20.49 -13.69 2.92
N ASP A 539 -20.67 -13.17 1.71
CA ASP A 539 -21.97 -13.20 1.04
C ASP A 539 -22.37 -14.62 0.62
N ALA A 540 -21.39 -15.43 0.20
CA ALA A 540 -21.63 -16.82 -0.17
C ALA A 540 -21.71 -17.75 1.06
N ASN A 541 -21.29 -17.27 2.22
CA ASN A 541 -21.25 -18.10 3.43
C ASN A 541 -20.31 -19.30 3.21
N GLU A 542 -19.12 -19.02 2.71
CA GLU A 542 -18.14 -20.05 2.40
C GLU A 542 -16.76 -19.62 2.83
N MET A 543 -15.92 -20.59 3.19
CA MET A 543 -14.51 -20.36 3.43
C MET A 543 -13.74 -21.06 2.32
N LYS A 544 -13.06 -20.28 1.50
CA LYS A 544 -12.33 -20.79 0.34
CA LYS A 544 -12.33 -20.82 0.35
C LYS A 544 -10.89 -21.15 0.73
N LEU A 545 -10.46 -22.33 0.34
CA LEU A 545 -9.04 -22.72 0.44
C LEU A 545 -8.60 -22.82 -1.01
N THR A 546 -7.56 -22.08 -1.38
CA THR A 546 -7.22 -21.91 -2.79
C THR A 546 -6.43 -23.07 -3.36
N GLU A 547 -6.41 -23.16 -4.69
CA GLU A 547 -5.57 -24.14 -5.35
C GLU A 547 -4.09 -23.92 -5.04
N ALA A 548 -3.68 -22.66 -4.89
CA ALA A 548 -2.29 -22.33 -4.55
C ALA A 548 -1.92 -22.88 -3.18
N PHE A 549 -2.87 -22.86 -2.25
CA PHE A 549 -2.67 -23.49 -0.94
C PHE A 549 -2.39 -24.98 -1.12
N PHE A 550 -3.28 -25.68 -1.82
CA PHE A 550 -3.16 -27.12 -1.97
C PHE A 550 -1.93 -27.56 -2.76
N ARG A 551 -1.43 -26.71 -3.66
CA ARG A 551 -0.20 -27.03 -4.41
C ARG A 551 0.99 -27.28 -3.48
N GLU A 552 0.95 -26.71 -2.28
CA GLU A 552 2.01 -26.88 -1.30
C GLU A 552 1.55 -27.61 -0.04
N VAL A 553 0.58 -28.51 -0.21
CA VAL A 553 0.14 -29.40 0.84
C VAL A 553 0.32 -30.84 0.34
N ARG A 554 1.03 -31.64 1.13
CA ARG A 554 1.16 -33.06 0.82
C ARG A 554 -0.08 -33.82 1.25
N ASP A 555 -0.31 -34.97 0.63
CA ASP A 555 -1.41 -35.85 1.04
C ASP A 555 -1.28 -36.17 2.52
N GLY A 556 -2.42 -36.25 3.20
CA GLY A 556 -2.45 -36.49 4.64
C GLY A 556 -3.44 -35.58 5.33
N GLU A 557 -3.29 -35.45 6.65
CA GLU A 557 -4.28 -34.77 7.47
C GLU A 557 -3.70 -33.47 8.01
N VAL A 558 -4.45 -32.41 7.82
CA VAL A 558 -4.03 -31.06 8.19
C VAL A 558 -5.07 -30.45 9.13
N ARG A 559 -4.59 -29.84 10.20
CA ARG A 559 -5.47 -29.12 11.12
C ARG A 559 -5.43 -27.65 10.77
N LEU A 560 -6.61 -27.08 10.52
CA LEU A 560 -6.75 -25.67 10.28
C LEU A 560 -7.27 -25.00 11.54
N THR A 561 -6.82 -23.78 11.79
CA THR A 561 -7.34 -22.99 12.90
C THR A 561 -7.70 -21.62 12.37
N PHE A 562 -8.99 -21.29 12.43
CA PHE A 562 -9.48 -20.02 11.98
C PHE A 562 -9.62 -19.10 13.17
N HIS A 563 -8.96 -17.94 13.07
CA HIS A 563 -8.95 -16.92 14.11
C HIS A 563 -9.83 -15.76 13.67
N PHE A 564 -10.82 -15.43 14.49
CA PHE A 564 -11.74 -14.33 14.18
C PHE A 564 -11.48 -13.14 15.09
N TRP A 565 -11.83 -11.96 14.62
CA TRP A 565 -11.55 -10.71 15.34
C TRP A 565 -12.30 -10.58 16.68
N SER A 566 -13.38 -11.34 16.83
CA SER A 566 -14.12 -11.41 18.08
C SER A 566 -13.37 -12.16 19.17
N GLY A 567 -12.31 -12.88 18.79
CA GLY A 567 -11.60 -13.76 19.70
C GLY A 567 -11.98 -15.22 19.51
N GLU A 568 -13.05 -15.48 18.74
CA GLU A 568 -13.48 -16.84 18.47
C GLU A 568 -12.42 -17.55 17.64
N THR A 569 -12.20 -18.82 17.98
CA THR A 569 -11.25 -19.69 17.30
C THR A 569 -12.02 -20.94 16.93
N VAL A 570 -11.90 -21.38 15.68
CA VAL A 570 -12.56 -22.60 15.23
C VAL A 570 -11.54 -23.49 14.55
N ASN A 571 -11.43 -24.73 15.00
CA ASN A 571 -10.58 -25.74 14.35
C ASN A 571 -11.36 -26.49 13.28
N TYR A 572 -10.62 -27.04 12.33
CA TYR A 572 -11.21 -27.78 11.21
C TYR A 572 -10.14 -28.72 10.70
N THR A 573 -10.57 -29.88 10.22
CA THR A 573 -9.64 -30.86 9.67
C THR A 573 -9.87 -31.04 8.18
N ILE A 574 -8.78 -31.05 7.43
CA ILE A 574 -8.84 -31.49 6.04
C ILE A 574 -7.95 -32.71 5.81
N ILE A 575 -8.43 -33.63 5.00
CA ILE A 575 -7.68 -34.80 4.59
C ILE A 575 -7.55 -34.71 3.07
N LYS A 576 -6.32 -34.65 2.61
CA LYS A 576 -6.02 -34.54 1.19
C LYS A 576 -5.58 -35.91 0.67
N ASN A 577 -6.25 -36.36 -0.40
CA ASN A 577 -5.91 -37.59 -1.10
C ASN A 577 -5.90 -37.26 -2.58
N GLY A 578 -4.72 -36.99 -3.13
CA GLY A 578 -4.61 -36.50 -4.50
C GLY A 578 -5.27 -35.14 -4.63
N ASN A 579 -6.08 -34.97 -5.66
CA ASN A 579 -6.81 -33.72 -5.87
C ASN A 579 -8.13 -33.64 -5.10
N GLN A 580 -8.44 -34.68 -4.33
CA GLN A 580 -9.66 -34.72 -3.55
C GLN A 580 -9.40 -34.35 -2.10
N VAL A 581 -10.31 -33.56 -1.54
CA VAL A 581 -10.16 -33.05 -0.18
C VAL A 581 -11.45 -33.32 0.59
N THR A 582 -11.29 -33.92 1.76
CA THR A 582 -12.37 -34.11 2.70
C THR A 582 -12.18 -33.11 3.83
N GLY A 583 -13.24 -32.39 4.16
CA GLY A 583 -13.27 -31.46 5.27
C GLY A 583 -14.12 -32.02 6.39
N ILE A 584 -13.63 -31.92 7.62
CA ILE A 584 -14.33 -32.45 8.78
C ILE A 584 -14.43 -31.37 9.85
N ALA A 585 -15.66 -30.98 10.18
CA ALA A 585 -15.90 -29.94 11.17
C ALA A 585 -15.59 -30.42 12.59
N ALA A 586 -15.32 -29.45 13.47
CA ALA A 586 -15.05 -29.74 14.88
C ALA A 586 -16.27 -30.38 15.53
N GLN A 587 -16.02 -31.34 16.42
CA GLN A 587 -17.09 -32.08 17.10
C GLN A 587 -16.68 -32.41 18.52
#